data_3FDH
#
_entry.id   3FDH
#
_cell.length_a   83.854
_cell.length_b   116.708
_cell.length_c   118.964
_cell.angle_alpha   90.000
_cell.angle_beta   90.000
_cell.angle_gamma   90.000
#
_symmetry.space_group_name_H-M   'I 2 2 2'
#
loop_
_entity.id
_entity.type
_entity.pdbx_description
1 polymer 'SusD homolog'
2 non-polymer 'TETRAETHYLENE GLYCOL'
3 water water
#
_entity_poly.entity_id   1
_entity_poly.type   'polypeptide(L)'
_entity_poly.pdbx_seq_one_letter_code
;GSEDT(MSE)DRINKDHDHTTSVASRFILADVITSTAFSNASGDINTYASSYIEYEVGVDNQLYYAEVRENEPSSSSTFN
NSWNGIYSSLKNARIIIDQCGEGGRDHGNDVTRG(MSE)AEV(MSE)AAYNCALIADFFGDAPCSQAALVDEKGSPVY
(MSE)TPK(MSE)DTQQEIYTQIISYLDDAIANLQKEDLADVTEQDFLYAGDADKWLKFAYGLKARYT(MSE)RLINRSS
NKSADYEKVLDYVSKSFTSADDQAAFDIYDSNNINPFYGFYNSRAGFGASTSLGTKLLAYNDPRANRAFFTPIVDKKRSQ
VAANDPSLVPAPNGSPDQSTSKYGISAFVYAKTAPTLL(MSE)SYHEL(MSE)FLKAEALCRLNRDAEDALKEAVVAGLL
NAENSISIAIKELGSGLNTNSSEVITETSAGKYFDDVVKAKYAANPLQET(MSE)IQKYLA(MSE)WGASGEATETYNDF
RR(MSE)KGLNENFITLTNPNNSSKFPLRYPYGNSDTAANPEVKAAYGNGDYVYSEPVWWAGGSR
;
_entity_poly.pdbx_strand_id   A
#
# COMPACT_ATOMS: atom_id res chain seq x y z
N SER A 18 31.10 8.29 2.25
CA SER A 18 30.55 9.47 1.52
C SER A 18 30.40 9.26 0.04
N VAL A 19 29.16 9.33 -0.40
CA VAL A 19 28.85 9.21 -1.82
C VAL A 19 27.89 10.32 -2.25
N ALA A 20 27.91 10.62 -3.54
CA ALA A 20 27.04 11.66 -4.11
C ALA A 20 25.57 11.33 -3.85
N SER A 21 24.81 12.36 -3.49
CA SER A 21 23.40 12.18 -3.11
C SER A 21 22.58 11.41 -4.10
N ARG A 22 22.86 11.61 -5.38
CA ARG A 22 22.08 10.93 -6.43
CA ARG A 22 22.07 10.93 -6.42
C ARG A 22 22.18 9.42 -6.31
N PHE A 23 23.36 8.94 -5.95
CA PHE A 23 23.56 7.49 -5.83
C PHE A 23 22.81 6.96 -4.59
N ILE A 24 22.74 7.80 -3.58
CA ILE A 24 22.03 7.40 -2.37
C ILE A 24 20.54 7.33 -2.70
N LEU A 25 20.10 8.30 -3.50
CA LEU A 25 18.67 8.38 -3.83
C LEU A 25 18.23 7.15 -4.59
N ALA A 26 19.11 6.66 -5.44
CA ALA A 26 18.76 5.47 -6.26
C ALA A 26 18.40 4.34 -5.31
N ASP A 27 19.18 4.26 -4.24
CA ASP A 27 19.00 3.20 -3.24
C ASP A 27 17.77 3.43 -2.41
N VAL A 28 17.53 4.69 -2.07
CA VAL A 28 16.39 5.06 -1.22
C VAL A 28 15.08 4.74 -1.94
N ILE A 29 15.05 5.04 -3.24
CA ILE A 29 13.84 4.80 -4.00
C ILE A 29 13.60 3.30 -4.13
N THR A 30 14.68 2.59 -4.40
CA THR A 30 14.62 1.14 -4.59
C THR A 30 14.13 0.47 -3.31
N SER A 31 14.77 0.85 -2.23
CA SER A 31 14.44 0.27 -0.93
CA SER A 31 14.46 0.32 -0.90
C SER A 31 13.04 0.64 -0.45
N THR A 32 12.62 1.87 -0.73
CA THR A 32 11.29 2.33 -0.32
C THR A 32 10.20 1.54 -1.04
N ALA A 33 10.41 1.27 -2.31
CA ALA A 33 9.42 0.53 -3.11
C ALA A 33 9.46 -0.94 -2.78
N PHE A 34 10.62 -1.52 -3.05
CA PHE A 34 10.79 -2.97 -2.93
C PHE A 34 10.65 -3.58 -1.53
N SER A 35 11.31 -2.96 -0.56
CA SER A 35 11.38 -3.51 0.79
C SER A 35 10.45 -2.90 1.83
N ASN A 36 10.21 -1.62 1.70
CA ASN A 36 9.46 -0.86 2.68
C ASN A 36 7.98 -0.83 2.48
N ALA A 37 7.56 -0.22 1.37
CA ALA A 37 6.12 -0.18 0.99
C ALA A 37 5.54 -1.53 0.55
N SER A 38 6.29 -2.30 -0.22
CA SER A 38 5.69 -3.48 -0.81
C SER A 38 6.36 -4.80 -0.47
N GLY A 39 7.13 -4.74 0.59
CA GLY A 39 7.79 -5.90 1.22
C GLY A 39 6.90 -6.58 2.23
N ASP A 40 7.47 -6.96 3.37
CA ASP A 40 6.71 -7.67 4.40
C ASP A 40 5.52 -6.88 4.92
N ILE A 41 5.62 -5.56 4.99
CA ILE A 41 4.49 -4.75 5.50
C ILE A 41 3.26 -5.06 4.65
N ASN A 42 3.49 -5.12 3.35
CA ASN A 42 2.42 -5.34 2.34
C ASN A 42 1.97 -6.79 2.35
N THR A 43 2.95 -7.66 2.55
CA THR A 43 2.68 -9.09 2.58
C THR A 43 1.68 -9.46 3.68
N TYR A 44 1.98 -8.96 4.87
CA TYR A 44 1.13 -9.24 6.04
C TYR A 44 -0.19 -8.49 5.95
N ALA A 45 -0.14 -7.24 5.52
CA ALA A 45 -1.38 -6.48 5.29
C ALA A 45 -2.35 -7.25 4.42
N SER A 46 -1.81 -7.89 3.39
CA SER A 46 -2.62 -8.66 2.46
C SER A 46 -3.48 -9.69 3.17
N SER A 47 -2.88 -10.30 4.18
CA SER A 47 -3.58 -11.27 5.00
C SER A 47 -4.55 -10.55 5.95
N TYR A 48 -4.07 -9.52 6.63
CA TYR A 48 -4.91 -8.88 7.64
C TYR A 48 -6.25 -8.36 7.09
N ILE A 49 -6.24 -7.77 5.89
CA ILE A 49 -7.46 -7.21 5.26
C ILE A 49 -8.01 -8.08 4.14
N GLU A 50 -7.50 -9.30 4.15
CA GLU A 50 -8.08 -10.40 3.38
C GLU A 50 -8.08 -10.32 1.88
N TYR A 51 -7.03 -9.71 1.36
CA TYR A 51 -6.77 -9.72 -0.11
C TYR A 51 -6.22 -11.10 -0.52
N GLU A 52 -5.57 -11.71 0.45
CA GLU A 52 -4.94 -13.02 0.37
C GLU A 52 -5.03 -13.73 1.67
N VAL A 53 -4.78 -15.03 1.58
CA VAL A 53 -4.76 -15.90 2.76
C VAL A 53 -3.38 -16.45 2.96
N GLY A 54 -2.84 -16.29 4.17
CA GLY A 54 -1.55 -16.88 4.50
C GLY A 54 -1.77 -18.37 4.72
N VAL A 55 -1.07 -19.18 3.95
CA VAL A 55 -1.31 -20.65 3.92
C VAL A 55 -0.11 -21.50 4.37
N ASP A 56 1.05 -20.87 4.47
CA ASP A 56 2.25 -21.58 4.92
C ASP A 56 3.20 -20.75 5.79
N ASN A 57 3.82 -21.46 6.72
CA ASN A 57 4.87 -20.94 7.55
C ASN A 57 4.47 -19.66 8.28
N GLN A 58 5.35 -18.69 8.31
CA GLN A 58 5.05 -17.46 9.06
C GLN A 58 3.72 -16.81 8.73
N LEU A 59 3.41 -16.69 7.45
CA LEU A 59 2.16 -16.05 7.02
CA LEU A 59 2.14 -16.08 7.00
C LEU A 59 0.95 -16.90 7.44
N TYR A 60 1.17 -18.19 7.61
CA TYR A 60 0.08 -19.09 8.08
C TYR A 60 -0.26 -18.71 9.50
N TYR A 61 0.79 -18.51 10.28
CA TYR A 61 0.66 -18.16 11.73
C TYR A 61 0.08 -16.76 11.94
N ALA A 62 0.33 -15.92 10.95
CA ALA A 62 -0.26 -14.56 10.93
C ALA A 62 -1.75 -14.71 10.62
N GLU A 63 -2.06 -15.56 9.65
CA GLU A 63 -3.43 -15.77 9.25
C GLU A 63 -4.34 -16.28 10.38
N VAL A 64 -3.81 -17.20 11.18
CA VAL A 64 -4.59 -17.84 12.24
C VAL A 64 -4.39 -17.11 13.53
N ARG A 65 -3.61 -16.05 13.43
CA ARG A 65 -3.29 -15.17 14.56
C ARG A 65 -2.67 -15.87 15.71
N GLU A 66 -1.70 -16.74 15.45
CA GLU A 66 -0.99 -17.41 16.52
C GLU A 66 0.44 -16.85 16.68
N ASN A 67 0.59 -15.96 17.66
CA ASN A 67 1.88 -15.34 18.01
C ASN A 67 2.46 -14.36 17.01
N GLU A 68 2.45 -14.79 15.77
CA GLU A 68 3.10 -14.05 14.69
C GLU A 68 2.75 -12.55 14.61
N PRO A 69 1.46 -12.21 14.74
CA PRO A 69 1.15 -10.79 14.57
C PRO A 69 1.58 -9.86 15.66
N SER A 70 2.00 -10.41 16.79
CA SER A 70 2.33 -9.61 17.98
C SER A 70 3.78 -9.74 18.44
N SER A 71 4.54 -10.54 17.70
CA SER A 71 5.97 -10.75 18.00
C SER A 71 6.84 -9.65 17.45
N SER A 72 7.72 -9.12 18.29
CA SER A 72 8.68 -8.07 17.90
C SER A 72 9.63 -8.57 16.77
N SER A 73 9.72 -9.88 16.57
CA SER A 73 10.59 -10.38 15.50
C SER A 73 10.02 -10.24 14.14
N THR A 74 8.71 -10.23 14.11
CA THR A 74 8.00 -10.36 12.86
C THR A 74 8.32 -9.30 11.84
N PHE A 75 8.34 -8.06 12.28
CA PHE A 75 8.60 -6.93 11.35
C PHE A 75 9.90 -6.27 11.62
N ASN A 76 10.80 -7.00 12.27
CA ASN A 76 12.12 -6.42 12.61
C ASN A 76 12.88 -5.96 11.38
N ASN A 77 12.90 -6.80 10.36
CA ASN A 77 13.59 -6.47 9.12
C ASN A 77 12.97 -5.25 8.43
N SER A 78 11.64 -5.23 8.35
CA SER A 78 10.93 -4.13 7.73
C SER A 78 11.21 -2.85 8.46
N TRP A 79 11.10 -2.96 9.78
CA TRP A 79 11.39 -1.87 10.72
C TRP A 79 12.80 -1.29 10.48
N ASN A 80 13.78 -2.16 10.56
CA ASN A 80 15.16 -1.73 10.33
C ASN A 80 15.35 -1.10 8.96
N GLY A 81 14.65 -1.65 7.98
CA GLY A 81 14.76 -1.19 6.58
C GLY A 81 14.19 0.20 6.36
N ILE A 82 13.07 0.46 7.00
CA ILE A 82 12.40 1.75 6.91
C ILE A 82 13.27 2.84 7.55
N TYR A 83 13.80 2.54 8.73
CA TYR A 83 14.69 3.48 9.42
C TYR A 83 15.97 3.70 8.62
N SER A 84 16.47 2.64 8.01
CA SER A 84 17.65 2.75 7.16
C SER A 84 17.44 3.70 5.96
N SER A 85 16.29 3.55 5.32
CA SER A 85 15.95 4.36 4.15
C SER A 85 15.74 5.80 4.57
N LEU A 86 15.19 5.99 5.77
CA LEU A 86 14.96 7.33 6.34
C LEU A 86 16.28 8.00 6.62
N LYS A 87 17.18 7.27 7.22
CA LYS A 87 18.50 7.79 7.54
C LYS A 87 19.19 8.26 6.27
N ASN A 88 19.12 7.42 5.25
CA ASN A 88 19.79 7.70 3.98
C ASN A 88 19.21 8.95 3.34
N ALA A 89 17.89 9.08 3.39
CA ALA A 89 17.19 10.26 2.82
C ALA A 89 17.67 11.53 3.52
N ARG A 90 17.88 11.38 4.81
CA ARG A 90 18.29 12.50 5.65
C ARG A 90 19.72 12.89 5.36
N ILE A 91 20.50 11.88 4.99
CA ILE A 91 21.92 12.14 4.63
C ILE A 91 21.92 12.97 3.34
N ILE A 92 21.03 12.62 2.42
CA ILE A 92 20.93 13.36 1.16
C ILE A 92 20.56 14.81 1.46
N ILE A 93 19.61 14.95 2.37
CA ILE A 93 19.04 16.26 2.67
C ILE A 93 20.13 17.14 3.23
N ASP A 94 20.96 16.54 4.06
CA ASP A 94 22.09 17.26 4.64
C ASP A 94 23.16 17.54 3.60
N GLN A 95 23.48 16.53 2.82
CA GLN A 95 24.52 16.71 1.79
C GLN A 95 24.14 17.77 0.77
N CYS A 96 22.83 17.97 0.60
CA CYS A 96 22.32 18.88 -0.43
C CYS A 96 22.11 20.28 0.09
N GLY A 97 22.37 20.43 1.37
CA GLY A 97 22.26 21.72 2.05
C GLY A 97 23.51 22.55 1.91
N GLU A 98 23.44 23.76 2.45
CA GLU A 98 24.60 24.66 2.42
C GLU A 98 25.63 24.00 3.31
N GLY A 99 26.85 23.93 2.78
CA GLY A 99 27.93 23.31 3.51
C GLY A 99 28.04 21.87 3.12
N GLY A 100 26.99 21.37 2.48
CA GLY A 100 26.98 19.97 2.03
C GLY A 100 27.81 19.75 0.77
N ARG A 101 28.34 18.55 0.63
CA ARG A 101 29.12 18.22 -0.57
C ARG A 101 28.30 18.34 -1.84
N ASP A 102 26.98 18.24 -1.69
CA ASP A 102 26.10 18.28 -2.84
C ASP A 102 25.28 19.55 -2.89
N HIS A 103 25.76 20.57 -2.22
CA HIS A 103 25.10 21.88 -2.27
C HIS A 103 24.71 22.25 -3.69
N GLY A 104 23.51 22.76 -3.84
CA GLY A 104 23.01 23.19 -5.15
C GLY A 104 22.12 22.17 -5.84
N ASN A 105 22.03 21.00 -5.24
CA ASN A 105 21.18 19.95 -5.77
C ASN A 105 19.86 19.94 -5.02
N ASP A 106 19.10 20.99 -5.29
CA ASP A 106 17.82 21.24 -4.59
C ASP A 106 16.71 20.33 -5.03
N VAL A 107 16.73 19.96 -6.30
CA VAL A 107 15.71 19.07 -6.84
C VAL A 107 15.89 17.65 -6.27
N THR A 108 17.13 17.20 -6.22
CA THR A 108 17.47 15.91 -5.64
C THR A 108 17.10 15.93 -4.17
N ARG A 109 17.27 17.11 -3.58
CA ARG A 109 16.98 17.30 -2.17
C ARG A 109 15.50 17.11 -1.90
N GLY A 110 14.72 17.67 -2.82
CA GLY A 110 13.28 17.60 -2.73
C GLY A 110 12.79 16.18 -2.88
N ALA A 112 14.38 13.54 -2.12
CA ALA A 112 14.79 12.89 -0.86
C ALA A 112 13.84 13.26 0.28
N GLU A 113 13.33 14.48 0.23
CA GLU A 113 12.40 14.98 1.27
C GLU A 113 11.09 14.24 1.15
N VAL A 114 10.70 13.97 -0.09
CA VAL A 114 9.48 13.19 -0.35
C VAL A 114 9.70 11.73 0.16
N ALA A 116 11.63 10.86 2.48
CA ALA A 116 11.77 10.92 3.95
C ALA A 116 10.35 10.90 4.55
N ALA A 117 9.48 11.69 3.92
CA ALA A 117 8.10 11.82 4.36
C ALA A 117 7.43 10.46 4.26
N TYR A 118 7.71 9.79 3.15
CA TYR A 118 7.06 8.52 2.85
C TYR A 118 7.40 7.48 3.88
N ASN A 119 8.67 7.46 4.25
CA ASN A 119 9.17 6.47 5.22
C ASN A 119 8.75 6.80 6.63
N CYS A 120 8.65 8.08 6.93
CA CYS A 120 8.17 8.49 8.25
C CYS A 120 6.74 8.05 8.42
N ALA A 121 6.00 8.12 7.34
CA ALA A 121 4.58 7.74 7.35
C ALA A 121 4.43 6.25 7.58
N LEU A 122 5.29 5.48 6.96
CA LEU A 122 5.23 4.00 7.15
C LEU A 122 5.48 3.70 8.62
N ILE A 123 6.39 4.46 9.18
CA ILE A 123 6.72 4.25 10.60
C ILE A 123 5.48 4.56 11.44
N ALA A 124 4.98 5.76 11.19
CA ALA A 124 3.87 6.27 11.99
C ALA A 124 2.63 5.43 11.80
N ASP A 125 2.36 5.06 10.57
CA ASP A 125 1.11 4.31 10.26
C ASP A 125 1.08 2.91 10.85
N PHE A 126 2.25 2.28 10.80
CA PHE A 126 2.32 0.87 11.19
C PHE A 126 2.67 0.64 12.62
N PHE A 127 3.51 1.50 13.16
CA PHE A 127 3.97 1.28 14.51
C PHE A 127 3.45 2.23 15.56
N GLY A 128 2.87 3.32 15.11
CA GLY A 128 2.31 4.34 16.01
C GLY A 128 3.39 5.28 16.46
N ASP A 129 3.37 5.55 17.76
CA ASP A 129 4.39 6.36 18.40
C ASP A 129 5.69 5.60 18.24
N ALA A 130 6.77 6.34 17.98
CA ALA A 130 8.03 5.70 17.62
C ALA A 130 9.16 6.70 17.45
N PRO A 131 10.42 6.25 17.57
CA PRO A 131 11.51 7.20 17.35
C PRO A 131 11.47 7.75 15.96
N CYS A 132 11.83 9.02 15.83
CA CYS A 132 11.86 9.65 14.51
C CYS A 132 12.78 10.88 14.50
N SER A 133 12.35 11.90 15.19
CA SER A 133 13.10 13.16 15.28
C SER A 133 14.52 12.96 15.79
N GLN A 134 14.71 11.92 16.59
CA GLN A 134 16.00 11.64 17.20
C GLN A 134 16.69 10.42 16.61
N ALA A 135 15.97 9.71 15.77
CA ALA A 135 16.56 8.55 15.08
C ALA A 135 17.17 9.09 13.81
N ALA A 136 18.38 8.63 13.50
CA ALA A 136 19.12 9.08 12.28
C ALA A 136 19.99 10.33 12.51
N THR A 148 19.91 7.11 22.91
CA THR A 148 18.80 6.18 22.67
C THR A 148 17.66 7.14 22.37
N PRO A 149 17.28 7.25 21.09
CA PRO A 149 16.25 8.19 20.67
C PRO A 149 14.93 8.04 21.39
N LYS A 150 14.34 9.19 21.66
CA LYS A 150 13.04 9.21 22.31
C LYS A 150 12.02 8.80 21.29
N ASP A 152 8.68 9.62 19.51
CA ASP A 152 7.87 10.77 19.11
C ASP A 152 6.45 10.24 19.09
N THR A 153 5.50 11.12 19.32
CA THR A 153 4.10 10.74 19.21
C THR A 153 3.83 10.64 17.74
N GLN A 154 2.79 9.89 17.40
CA GLN A 154 2.44 9.71 15.98
C GLN A 154 2.08 11.06 15.41
N GLN A 155 1.50 11.91 16.25
CA GLN A 155 1.12 13.24 15.81
C GLN A 155 2.37 14.06 15.46
N GLU A 156 3.40 13.93 16.30
CA GLU A 156 4.66 14.61 16.06
C GLU A 156 5.30 14.13 14.77
N ILE A 157 5.13 12.84 14.47
CA ILE A 157 5.75 12.27 13.28
C ILE A 157 5.03 12.87 12.08
N TYR A 158 3.70 12.95 12.16
CA TYR A 158 2.90 13.53 11.06
C TYR A 158 3.23 15.00 10.79
N THR A 159 3.54 15.73 11.86
CA THR A 159 3.94 17.12 11.66
C THR A 159 5.23 17.13 10.84
N GLN A 160 6.11 16.17 11.09
CA GLN A 160 7.40 16.08 10.40
C GLN A 160 7.18 15.66 8.96
N ILE A 161 6.19 14.83 8.78
CA ILE A 161 5.85 14.32 7.45
C ILE A 161 5.39 15.46 6.55
N ILE A 162 4.46 16.25 7.06
CA ILE A 162 3.93 17.37 6.26
C ILE A 162 5.01 18.43 5.98
N SER A 163 5.86 18.59 6.96
CA SER A 163 6.95 19.55 6.88
C SER A 163 7.93 19.14 5.78
N TYR A 164 8.21 17.85 5.72
CA TYR A 164 9.06 17.33 4.66
C TYR A 164 8.46 17.58 3.29
N LEU A 165 7.14 17.42 3.20
CA LEU A 165 6.43 17.56 1.92
C LEU A 165 6.43 19.02 1.51
N ASP A 166 6.27 19.89 2.49
CA ASP A 166 6.27 21.33 2.18
C ASP A 166 7.65 21.74 1.70
N ASP A 167 8.66 21.19 2.34
CA ASP A 167 10.06 21.49 1.97
C ASP A 167 10.27 21.02 0.55
N ALA A 168 9.83 19.80 0.32
CA ALA A 168 9.90 19.18 -1.01
C ALA A 168 9.24 20.02 -2.10
N ILE A 169 8.04 20.49 -1.81
CA ILE A 169 7.25 21.27 -2.78
C ILE A 169 8.02 22.49 -3.23
N ALA A 170 8.79 23.05 -2.30
CA ALA A 170 9.57 24.25 -2.59
C ALA A 170 10.83 23.89 -3.37
N ASN A 171 11.53 22.89 -2.87
CA ASN A 171 12.81 22.51 -3.45
C ASN A 171 12.69 21.93 -4.85
N LEU A 172 11.59 21.24 -5.09
CA LEU A 172 11.38 20.54 -6.37
C LEU A 172 11.19 21.54 -7.49
N GLN A 173 10.99 22.79 -7.12
CA GLN A 173 10.75 23.84 -8.11
C GLN A 173 11.99 24.61 -8.42
N LYS A 174 13.10 24.14 -7.87
CA LYS A 174 14.40 24.78 -8.10
C LYS A 174 15.22 24.00 -9.09
N GLU A 175 16.51 23.85 -8.79
CA GLU A 175 17.43 23.13 -9.69
C GLU A 175 18.41 22.18 -9.03
N ASP A 176 19.04 21.43 -9.91
CA ASP A 176 20.15 20.52 -9.59
C ASP A 176 21.39 20.93 -10.34
N LEU A 177 22.54 20.61 -9.74
CA LEU A 177 23.81 20.84 -10.41
C LEU A 177 24.19 19.55 -11.13
N ALA A 178 24.05 18.45 -10.42
CA ALA A 178 24.34 17.13 -10.97
C ALA A 178 23.04 16.47 -11.41
N ASP A 179 23.04 15.94 -12.62
CA ASP A 179 21.88 15.27 -13.23
C ASP A 179 21.53 13.94 -12.55
N VAL A 180 20.33 13.92 -11.97
CA VAL A 180 19.85 12.81 -11.16
C VAL A 180 19.04 11.80 -11.99
N THR A 181 18.88 12.14 -13.25
CA THR A 181 18.00 11.37 -14.13
C THR A 181 18.10 9.87 -14.02
N GLU A 182 19.31 9.35 -14.16
CA GLU A 182 19.50 7.88 -14.23
C GLU A 182 19.34 7.20 -12.88
N GLN A 183 19.38 8.00 -11.83
CA GLN A 183 19.25 7.49 -10.45
C GLN A 183 17.82 7.59 -9.93
N ASP A 184 17.03 8.43 -10.59
CA ASP A 184 15.62 8.62 -10.23
C ASP A 184 14.78 7.55 -10.92
N PHE A 185 14.68 6.42 -10.24
CA PHE A 185 13.95 5.25 -10.74
C PHE A 185 12.43 5.45 -10.69
N LEU A 186 12.00 6.58 -10.15
CA LEU A 186 10.58 6.84 -10.08
C LEU A 186 10.16 7.66 -11.28
N TYR A 187 10.83 8.78 -11.49
CA TYR A 187 10.41 9.72 -12.53
C TYR A 187 11.48 10.22 -13.52
N ALA A 188 12.66 9.61 -13.47
CA ALA A 188 13.70 9.93 -14.46
C ALA A 188 14.02 11.41 -14.51
N GLY A 189 13.99 12.02 -13.33
CA GLY A 189 14.39 13.42 -13.14
C GLY A 189 13.33 14.48 -13.36
N ASP A 190 12.12 14.03 -13.68
CA ASP A 190 11.01 14.96 -13.89
C ASP A 190 10.46 15.53 -12.57
N ALA A 191 10.90 16.75 -12.23
CA ALA A 191 10.52 17.39 -10.94
C ALA A 191 9.03 17.73 -10.82
N ASP A 192 8.41 17.94 -11.96
CA ASP A 192 6.98 18.30 -11.98
C ASP A 192 6.13 17.12 -11.57
N LYS A 193 6.58 15.93 -11.95
CA LYS A 193 5.92 14.68 -11.57
C LYS A 193 6.15 14.42 -10.09
N TRP A 194 7.35 14.72 -9.61
CA TRP A 194 7.59 14.59 -8.17
C TRP A 194 6.67 15.53 -7.40
N LEU A 195 6.47 16.70 -7.97
CA LEU A 195 5.67 17.73 -7.31
C LEU A 195 4.24 17.21 -7.21
N LYS A 196 3.78 16.58 -8.28
CA LYS A 196 2.43 15.96 -8.29
C LYS A 196 2.31 14.87 -7.24
N PHE A 197 3.37 14.09 -7.14
CA PHE A 197 3.48 12.99 -6.17
C PHE A 197 3.42 13.59 -4.76
N ALA A 198 4.17 14.67 -4.53
CA ALA A 198 4.15 15.30 -3.18
C ALA A 198 2.73 15.76 -2.78
N TYR A 199 2.00 16.33 -3.72
CA TYR A 199 0.61 16.77 -3.47
C TYR A 199 -0.30 15.61 -3.27
N GLY A 200 0.01 14.52 -3.95
CA GLY A 200 -0.79 13.30 -3.85
C GLY A 200 -0.66 12.78 -2.47
N LEU A 201 0.58 12.90 -1.94
CA LEU A 201 0.85 12.40 -0.57
C LEU A 201 0.19 13.30 0.48
N LYS A 202 0.17 14.60 0.20
CA LYS A 202 -0.54 15.52 1.06
C LYS A 202 -2.02 15.15 1.13
N ALA A 203 -2.56 14.67 0.04
CA ALA A 203 -3.96 14.28 0.03
C ALA A 203 -4.10 13.03 0.89
N ARG A 204 -3.24 12.03 0.63
CA ARG A 204 -3.31 10.76 1.36
C ARG A 204 -3.23 11.00 2.86
N TYR A 205 -2.32 11.86 3.24
CA TYR A 205 -2.01 12.08 4.67
C TYR A 205 -3.01 13.00 5.35
N THR A 206 -3.62 13.89 4.57
CA THR A 206 -4.67 14.75 5.10
C THR A 206 -5.88 13.88 5.46
N ARG A 208 -5.78 10.78 6.01
CA ARG A 208 -5.37 9.82 7.07
C ARG A 208 -5.73 10.28 8.46
N LEU A 209 -5.60 11.59 8.68
CA LEU A 209 -5.74 12.16 10.05
C LEU A 209 -7.10 12.78 10.34
N ILE A 210 -8.02 12.53 9.45
CA ILE A 210 -9.35 13.16 9.49
C ILE A 210 -10.09 12.98 10.81
N ASN A 211 -9.96 11.80 11.40
CA ASN A 211 -10.63 11.53 12.66
C ASN A 211 -10.25 12.54 13.73
N ARG A 212 -9.06 13.10 13.57
CA ARG A 212 -8.49 14.00 14.55
C ARG A 212 -8.69 15.47 14.20
N SER A 213 -9.37 15.71 13.11
CA SER A 213 -9.54 17.08 12.60
C SER A 213 -10.47 17.99 13.38
N SER A 214 -10.12 19.27 13.41
CA SER A 214 -10.93 20.29 14.07
CA SER A 214 -10.95 20.28 14.07
C SER A 214 -11.84 20.95 13.06
N ASN A 215 -11.64 20.59 11.80
CA ASN A 215 -12.43 21.15 10.70
C ASN A 215 -12.35 20.23 9.51
N LYS A 216 -13.26 19.27 9.50
CA LYS A 216 -13.22 18.22 8.50
C LYS A 216 -13.54 18.73 7.12
N SER A 217 -14.46 19.66 7.05
CA SER A 217 -14.84 20.21 5.74
C SER A 217 -13.64 20.89 5.08
N ALA A 218 -12.89 21.65 5.89
CA ALA A 218 -11.69 22.35 5.38
C ALA A 218 -10.70 21.28 4.91
N ASP A 219 -10.62 20.19 5.68
CA ASP A 219 -9.69 19.10 5.32
C ASP A 219 -10.10 18.41 4.03
N TYR A 220 -11.40 18.18 3.87
CA TYR A 220 -11.87 17.54 2.61
C TYR A 220 -11.56 18.45 1.43
N GLU A 221 -11.69 19.77 1.64
CA GLU A 221 -11.44 20.73 0.56
CA GLU A 221 -11.43 20.76 0.58
C GLU A 221 -9.95 20.77 0.23
N LYS A 222 -9.14 20.56 1.25
CA LYS A 222 -7.70 20.50 1.03
C LYS A 222 -7.36 19.30 0.18
N VAL A 223 -8.00 18.18 0.49
CA VAL A 223 -7.73 16.93 -0.24
C VAL A 223 -8.05 17.20 -1.71
N LEU A 224 -9.19 17.82 -1.95
CA LEU A 224 -9.58 18.12 -3.36
C LEU A 224 -8.61 19.04 -4.08
N ASP A 225 -8.08 20.00 -3.33
CA ASP A 225 -7.11 20.94 -3.88
C ASP A 225 -5.80 20.21 -4.22
N TYR A 226 -5.34 19.41 -3.27
CA TYR A 226 -4.09 18.66 -3.43
C TYR A 226 -4.24 17.69 -4.62
N VAL A 227 -5.39 17.04 -4.72
CA VAL A 227 -5.64 16.15 -5.85
C VAL A 227 -5.52 16.91 -7.16
N SER A 228 -6.03 18.13 -7.16
CA SER A 228 -6.04 18.91 -8.39
C SER A 228 -4.62 19.24 -8.83
N LYS A 229 -3.71 19.18 -7.89
CA LYS A 229 -2.32 19.52 -8.17
CA LYS A 229 -2.31 19.52 -8.14
C LYS A 229 -1.45 18.26 -8.26
N SER A 230 -2.12 17.12 -8.33
CA SER A 230 -1.44 15.84 -8.41
C SER A 230 -1.63 15.15 -9.74
N PHE A 231 -1.57 13.82 -9.71
CA PHE A 231 -1.62 12.99 -10.92
C PHE A 231 -2.82 13.28 -11.78
N THR A 232 -2.59 13.40 -13.08
CA THR A 232 -3.64 13.72 -14.06
C THR A 232 -4.10 12.44 -14.77
N SER A 233 -3.29 11.40 -14.62
CA SER A 233 -3.54 10.07 -15.18
C SER A 233 -2.60 9.05 -14.57
N ALA A 234 -2.79 7.79 -14.95
CA ALA A 234 -1.94 6.72 -14.44
C ALA A 234 -0.50 6.98 -14.90
N ASP A 235 -0.36 7.72 -15.97
CA ASP A 235 0.98 7.98 -16.46
C ASP A 235 1.77 8.85 -15.52
N ASP A 236 1.07 9.50 -14.61
CA ASP A 236 1.74 10.41 -13.71
C ASP A 236 2.03 9.72 -12.41
N GLN A 237 1.42 8.55 -12.24
CA GLN A 237 1.45 7.91 -10.90
C GLN A 237 2.86 7.50 -10.52
N ALA A 238 3.05 7.39 -9.21
CA ALA A 238 4.37 7.07 -8.62
C ALA A 238 4.60 5.57 -8.64
N ALA A 239 5.23 5.14 -9.73
CA ALA A 239 5.48 3.74 -10.00
C ALA A 239 6.95 3.47 -10.14
N PHE A 240 7.38 2.46 -9.42
CA PHE A 240 8.74 1.95 -9.48
C PHE A 240 8.56 0.82 -10.47
N ASP A 241 8.98 1.10 -11.70
CA ASP A 241 8.70 0.22 -12.81
C ASP A 241 9.97 -0.21 -13.52
N ILE A 242 10.90 -0.77 -12.77
CA ILE A 242 12.19 -1.15 -13.35
C ILE A 242 12.40 -2.66 -13.26
N TYR A 243 11.32 -3.37 -12.96
CA TYR A 243 11.43 -4.84 -12.84
C TYR A 243 11.68 -5.52 -14.19
N ASP A 244 12.43 -6.61 -14.11
CA ASP A 244 12.69 -7.48 -15.27
C ASP A 244 12.85 -8.96 -14.90
N SER A 245 13.24 -9.71 -15.93
CA SER A 245 13.42 -11.17 -15.86
C SER A 245 14.29 -11.48 -14.68
N ASN A 246 15.16 -10.55 -14.36
CA ASN A 246 16.17 -10.77 -13.34
C ASN A 246 16.07 -9.87 -12.13
N ASN A 247 15.14 -8.93 -12.20
CA ASN A 247 14.94 -8.02 -11.08
C ASN A 247 13.44 -7.99 -10.80
N ILE A 248 13.01 -8.76 -9.82
CA ILE A 248 11.57 -9.02 -9.65
C ILE A 248 10.76 -8.18 -8.69
N ASN A 249 9.46 -8.19 -9.00
CA ASN A 249 8.41 -7.53 -8.21
C ASN A 249 8.38 -8.24 -6.85
N PRO A 250 8.22 -7.46 -5.76
CA PRO A 250 8.34 -8.00 -4.41
C PRO A 250 7.21 -8.89 -3.90
N PHE A 251 6.02 -8.64 -4.40
CA PHE A 251 4.82 -9.43 -4.12
C PHE A 251 5.04 -10.80 -4.83
N TYR A 252 5.37 -10.72 -6.10
CA TYR A 252 5.74 -11.90 -6.86
C TYR A 252 6.87 -12.65 -6.14
N GLY A 253 7.78 -11.85 -5.61
CA GLY A 253 8.98 -12.37 -4.94
C GLY A 253 8.67 -13.21 -3.75
N PHE A 254 7.75 -12.72 -2.94
CA PHE A 254 7.30 -13.44 -1.75
C PHE A 254 6.73 -14.79 -2.13
N TYR A 255 5.85 -14.80 -3.12
CA TYR A 255 5.22 -16.07 -3.54
C TYR A 255 6.24 -17.01 -4.18
N ASN A 256 7.19 -16.41 -4.85
CA ASN A 256 8.20 -17.16 -5.57
C ASN A 256 9.10 -17.87 -4.58
N SER A 257 9.32 -17.20 -3.45
CA SER A 257 10.20 -17.68 -2.39
C SER A 257 9.53 -18.54 -1.32
N ARG A 258 8.26 -18.27 -1.08
CA ARG A 258 7.51 -18.88 0.02
C ARG A 258 6.23 -19.62 -0.33
N ALA A 259 5.72 -19.38 -1.53
CA ALA A 259 4.47 -19.98 -1.98
C ALA A 259 3.44 -19.90 -0.86
N GLY A 260 3.41 -18.74 -0.20
CA GLY A 260 2.65 -18.60 1.04
C GLY A 260 1.29 -17.99 1.08
N PHE A 261 0.77 -17.69 -0.10
CA PHE A 261 -0.58 -17.13 -0.28
C PHE A 261 -1.52 -18.10 -0.99
N GLY A 262 -2.77 -18.01 -0.57
CA GLY A 262 -3.91 -18.72 -1.13
C GLY A 262 -5.02 -17.71 -1.44
N ALA A 263 -5.81 -18.04 -2.45
CA ALA A 263 -6.90 -17.16 -2.90
C ALA A 263 -7.87 -16.92 -1.73
N SER A 264 -8.23 -15.64 -1.54
CA SER A 264 -9.15 -15.23 -0.48
C SER A 264 -10.60 -15.48 -0.78
N THR A 265 -11.23 -16.26 0.10
CA THR A 265 -12.65 -16.59 -0.03
C THR A 265 -13.50 -15.34 0.14
N SER A 266 -13.25 -14.60 1.21
CA SER A 266 -14.01 -13.37 1.48
C SER A 266 -13.95 -12.40 0.30
N LEU A 267 -12.78 -12.31 -0.32
CA LEU A 267 -12.59 -11.42 -1.43
C LEU A 267 -13.43 -11.93 -2.61
N GLY A 268 -13.38 -13.23 -2.82
CA GLY A 268 -14.15 -13.86 -3.90
C GLY A 268 -15.65 -13.62 -3.73
N THR A 269 -16.09 -13.69 -2.49
CA THR A 269 -17.51 -13.47 -2.19
C THR A 269 -17.93 -12.07 -2.66
N LYS A 270 -17.09 -11.08 -2.38
CA LYS A 270 -17.37 -9.68 -2.80
C LYS A 270 -17.39 -9.56 -4.30
N LEU A 271 -16.33 -10.05 -4.92
CA LEU A 271 -16.21 -9.98 -6.39
C LEU A 271 -17.42 -10.62 -7.08
N LEU A 272 -17.85 -11.75 -6.53
CA LEU A 272 -18.96 -12.52 -7.09
C LEU A 272 -20.25 -11.77 -6.89
N ALA A 273 -20.37 -11.11 -5.76
CA ALA A 273 -21.61 -10.41 -5.43
C ALA A 273 -21.81 -9.27 -6.42
N TYR A 274 -20.71 -8.66 -6.81
CA TYR A 274 -20.73 -7.54 -7.76
C TYR A 274 -20.67 -7.95 -9.20
N ASN A 275 -20.31 -9.19 -9.40
CA ASN A 275 -19.98 -9.67 -10.73
C ASN A 275 -18.88 -8.77 -11.28
N ASP A 276 -17.96 -8.45 -10.39
CA ASP A 276 -16.78 -7.65 -10.76
C ASP A 276 -16.01 -8.40 -11.89
N PRO A 277 -15.55 -7.70 -12.92
CA PRO A 277 -14.81 -8.37 -13.99
C PRO A 277 -13.67 -9.30 -13.52
N ARG A 278 -13.05 -8.97 -12.40
CA ARG A 278 -11.92 -9.73 -11.89
C ARG A 278 -12.34 -11.08 -11.28
N ALA A 279 -13.62 -11.20 -11.00
CA ALA A 279 -14.18 -12.46 -10.47
C ALA A 279 -13.90 -13.65 -11.41
N ASN A 280 -13.90 -13.39 -12.71
CA ASN A 280 -13.77 -14.42 -13.68
C ASN A 280 -12.41 -14.44 -14.32
N ARG A 281 -11.52 -13.64 -13.80
CA ARG A 281 -10.27 -13.45 -14.49
C ARG A 281 -8.99 -13.43 -13.68
N ALA A 282 -9.11 -13.16 -12.37
CA ALA A 282 -7.95 -12.95 -11.51
C ALA A 282 -7.59 -14.11 -10.57
N PHE A 283 -8.09 -15.29 -10.88
CA PHE A 283 -7.86 -16.50 -10.08
C PHE A 283 -7.40 -17.70 -10.88
N PHE A 284 -6.42 -18.39 -10.31
CA PHE A 284 -5.85 -19.60 -10.85
C PHE A 284 -5.96 -20.75 -9.83
N THR A 285 -6.22 -21.92 -10.39
CA THR A 285 -6.32 -23.12 -9.57
C THR A 285 -4.95 -23.57 -9.09
N PRO A 286 -4.94 -24.54 -8.17
CA PRO A 286 -3.68 -25.19 -7.85
C PRO A 286 -3.20 -25.91 -9.11
N ILE A 287 -1.95 -26.35 -9.08
CA ILE A 287 -1.38 -27.08 -10.21
C ILE A 287 -1.97 -28.48 -10.21
N VAL A 288 -2.50 -28.87 -11.37
CA VAL A 288 -3.02 -30.21 -11.54
C VAL A 288 -2.51 -30.71 -12.88
N ASP A 289 -1.81 -31.83 -12.84
CA ASP A 289 -1.29 -32.38 -14.07
C ASP A 289 -0.49 -31.34 -14.85
N LYS A 290 0.36 -30.65 -14.10
CA LYS A 290 1.34 -29.72 -14.67
C LYS A 290 0.74 -28.40 -15.15
N LYS A 291 -0.54 -28.22 -14.91
CA LYS A 291 -1.21 -26.98 -15.33
C LYS A 291 -2.08 -26.39 -14.24
N ARG A 292 -2.05 -25.06 -14.18
CA ARG A 292 -3.04 -24.34 -13.40
C ARG A 292 -4.03 -23.91 -14.44
N SER A 293 -5.24 -23.65 -13.99
CA SER A 293 -6.30 -23.17 -14.86
C SER A 293 -6.86 -21.87 -14.33
N GLN A 294 -7.18 -20.97 -15.24
CA GLN A 294 -7.79 -19.69 -14.89
C GLN A 294 -9.29 -19.98 -14.79
N VAL A 295 -9.83 -19.72 -13.59
CA VAL A 295 -11.23 -20.05 -13.26
C VAL A 295 -11.96 -18.95 -12.49
N ALA A 296 -13.29 -19.04 -12.51
CA ALA A 296 -14.14 -18.10 -11.78
C ALA A 296 -14.00 -18.35 -10.29
N ALA A 297 -14.20 -17.28 -9.54
CA ALA A 297 -14.09 -17.29 -8.09
C ALA A 297 -15.00 -18.35 -7.44
N ASN A 298 -16.06 -18.74 -8.13
CA ASN A 298 -17.02 -19.72 -7.59
C ASN A 298 -16.90 -21.13 -8.18
N ASP A 299 -15.84 -21.32 -8.93
CA ASP A 299 -15.53 -22.63 -9.46
C ASP A 299 -14.85 -23.44 -8.34
N PRO A 300 -15.43 -24.61 -7.99
CA PRO A 300 -14.81 -25.31 -6.87
C PRO A 300 -13.38 -25.75 -7.14
N SER A 301 -12.99 -25.81 -8.41
CA SER A 301 -11.61 -26.23 -8.73
C SER A 301 -10.57 -25.19 -8.33
N LEU A 302 -11.03 -24.01 -7.97
CA LEU A 302 -10.11 -22.96 -7.52
C LEU A 302 -9.51 -23.31 -6.17
N VAL A 303 -10.31 -24.04 -5.39
CA VAL A 303 -9.91 -24.39 -4.04
C VAL A 303 -9.44 -23.12 -3.28
N PRO A 304 -10.34 -22.14 -3.11
CA PRO A 304 -9.92 -20.97 -2.35
C PRO A 304 -9.68 -21.32 -0.88
N ALA A 305 -8.87 -20.49 -0.26
CA ALA A 305 -8.49 -20.67 1.14
C ALA A 305 -9.50 -19.93 2.06
N PRO A 306 -9.92 -20.61 3.14
CA PRO A 306 -10.83 -19.98 4.06
C PRO A 306 -10.08 -19.00 4.95
N ASN A 307 -10.57 -17.77 4.95
CA ASN A 307 -9.91 -16.72 5.73
C ASN A 307 -9.86 -17.07 7.18
N GLY A 308 -8.66 -17.01 7.74
CA GLY A 308 -8.47 -17.31 9.14
C GLY A 308 -8.43 -18.77 9.57
N SER A 309 -8.63 -19.70 8.65
CA SER A 309 -8.66 -21.12 9.00
C SER A 309 -8.19 -22.11 7.91
N PRO A 310 -7.19 -21.73 7.07
CA PRO A 310 -6.75 -22.76 6.15
C PRO A 310 -5.95 -23.87 6.78
N ASP A 311 -5.87 -24.96 6.05
CA ASP A 311 -4.92 -26.02 6.37
C ASP A 311 -3.57 -25.47 5.87
N GLN A 312 -2.49 -25.78 6.58
CA GLN A 312 -1.20 -25.26 6.21
C GLN A 312 -0.62 -26.08 5.05
N SER A 313 -0.37 -25.42 3.94
CA SER A 313 0.06 -26.10 2.73
C SER A 313 0.39 -25.09 1.64
N THR A 314 1.40 -25.41 0.84
CA THR A 314 1.82 -24.53 -0.23
C THR A 314 1.30 -25.03 -1.55
N SER A 315 0.57 -26.14 -1.49
CA SER A 315 0.05 -26.77 -2.71
C SER A 315 -1.47 -26.95 -2.78
N LYS A 316 -2.15 -26.93 -1.66
CA LYS A 316 -3.60 -27.21 -1.66
C LYS A 316 -4.52 -26.19 -2.33
N TYR A 317 -4.26 -24.94 -2.02
CA TYR A 317 -5.15 -23.84 -2.44
C TYR A 317 -4.72 -23.10 -3.68
N GLY A 318 -5.76 -22.66 -4.36
CA GLY A 318 -5.66 -21.82 -5.54
C GLY A 318 -5.09 -20.49 -5.13
N ILE A 319 -4.93 -19.62 -6.13
CA ILE A 319 -4.25 -18.36 -5.91
C ILE A 319 -4.83 -17.23 -6.72
N SER A 320 -4.46 -16.00 -6.32
CA SER A 320 -4.75 -14.84 -7.15
C SER A 320 -3.72 -14.84 -8.30
N ALA A 321 -4.12 -14.32 -9.45
CA ALA A 321 -3.24 -14.22 -10.64
C ALA A 321 -2.00 -13.36 -10.31
N PHE A 322 -2.22 -12.50 -9.35
CA PHE A 322 -1.25 -11.45 -8.95
C PHE A 322 0.10 -11.98 -8.43
N VAL A 323 0.08 -13.19 -7.89
CA VAL A 323 1.31 -13.77 -7.34
C VAL A 323 2.33 -14.08 -8.44
N TYR A 324 1.88 -14.11 -9.71
CA TYR A 324 2.76 -14.38 -10.86
C TYR A 324 3.08 -13.16 -11.71
N ALA A 325 2.75 -11.98 -11.18
CA ALA A 325 2.94 -10.68 -11.89
C ALA A 325 4.39 -10.22 -11.72
N LYS A 326 5.29 -10.95 -12.36
CA LYS A 326 6.72 -10.83 -12.15
C LYS A 326 7.31 -9.43 -12.30
N THR A 327 6.81 -8.73 -13.29
CA THR A 327 7.30 -7.41 -13.64
C THR A 327 6.29 -6.30 -13.45
N ALA A 328 5.24 -6.55 -12.69
CA ALA A 328 4.29 -5.48 -12.42
C ALA A 328 4.98 -4.39 -11.61
N PRO A 329 4.67 -3.11 -11.88
CA PRO A 329 5.33 -2.09 -11.04
C PRO A 329 4.84 -2.03 -9.63
N THR A 330 5.70 -1.50 -8.78
CA THR A 330 5.33 -1.22 -7.41
C THR A 330 4.82 0.21 -7.42
N LEU A 331 3.57 0.35 -7.00
CA LEU A 331 2.90 1.65 -6.97
C LEU A 331 3.04 2.28 -5.55
N LEU A 332 3.93 3.27 -5.46
CA LEU A 332 4.13 4.03 -4.21
C LEU A 332 2.87 4.83 -3.98
N SER A 334 -0.84 5.24 -6.45
CA SER A 334 -1.55 5.11 -7.72
C SER A 334 -2.51 6.23 -8.05
N TYR A 335 -2.74 6.35 -9.36
CA TYR A 335 -3.71 7.29 -9.83
C TYR A 335 -5.08 6.90 -9.30
N HIS A 336 -5.35 5.60 -9.26
CA HIS A 336 -6.67 5.16 -8.78
C HIS A 336 -6.85 5.53 -7.33
N GLU A 337 -5.80 5.36 -6.54
CA GLU A 337 -5.89 5.74 -5.11
C GLU A 337 -6.23 7.22 -5.01
N LEU A 338 -5.63 8.01 -5.86
CA LEU A 338 -5.85 9.46 -5.78
C LEU A 338 -7.30 9.79 -6.13
N PHE A 340 -9.81 7.83 -5.68
CA PHE A 340 -10.62 7.31 -4.57
C PHE A 340 -10.59 8.28 -3.41
N LEU A 341 -9.49 9.01 -3.32
CA LEU A 341 -9.38 10.04 -2.28
C LEU A 341 -10.29 11.17 -2.65
N LYS A 342 -10.27 11.50 -3.91
CA LYS A 342 -11.10 12.59 -4.45
C LYS A 342 -12.59 12.27 -4.24
N ALA A 343 -12.94 11.06 -4.60
CA ALA A 343 -14.32 10.54 -4.42
C ALA A 343 -14.71 10.52 -2.94
N GLU A 344 -13.81 10.06 -2.09
CA GLU A 344 -14.12 9.97 -0.66
C GLU A 344 -14.35 11.40 -0.10
N ALA A 345 -13.51 12.32 -0.54
CA ALA A 345 -13.64 13.71 -0.08
C ALA A 345 -14.98 14.28 -0.48
N LEU A 346 -15.39 14.04 -1.72
CA LEU A 346 -16.69 14.56 -2.19
C LEU A 346 -17.84 13.92 -1.43
N CYS A 347 -17.77 12.62 -1.24
CA CYS A 347 -18.81 11.93 -0.47
C CYS A 347 -18.96 12.57 0.89
N ARG A 348 -17.85 12.66 1.58
CA ARG A 348 -17.91 13.19 2.94
C ARG A 348 -18.34 14.67 2.97
N LEU A 349 -18.21 15.35 1.84
CA LEU A 349 -18.65 16.75 1.69
C LEU A 349 -20.09 16.79 1.25
N ASN A 350 -20.71 15.62 1.17
CA ASN A 350 -22.07 15.59 0.67
C ASN A 350 -22.21 16.12 -0.76
N ARG A 351 -21.17 15.92 -1.56
CA ARG A 351 -21.21 16.31 -2.97
CA ARG A 351 -21.16 16.32 -2.96
C ARG A 351 -21.12 15.11 -3.88
N ASP A 352 -21.52 15.32 -5.13
CA ASP A 352 -21.52 14.26 -6.15
C ASP A 352 -20.12 13.78 -6.43
N ALA A 353 -19.92 12.47 -6.27
CA ALA A 353 -18.60 11.83 -6.49
C ALA A 353 -18.64 10.85 -7.64
N GLU A 354 -19.72 10.85 -8.38
CA GLU A 354 -19.88 9.84 -9.41
C GLU A 354 -18.77 9.78 -10.46
N ASP A 355 -18.37 10.94 -10.97
CA ASP A 355 -17.40 10.95 -12.06
C ASP A 355 -16.08 10.52 -11.51
N ALA A 356 -15.83 10.97 -10.29
CA ALA A 356 -14.56 10.68 -9.64
C ALA A 356 -14.45 9.19 -9.37
N LEU A 357 -15.53 8.62 -8.88
CA LEU A 357 -15.55 7.21 -8.56
C LEU A 357 -15.37 6.39 -9.82
N LYS A 358 -15.95 6.85 -10.91
CA LYS A 358 -15.86 6.06 -12.14
C LYS A 358 -14.42 6.04 -12.61
N GLU A 359 -13.78 7.18 -12.50
CA GLU A 359 -12.40 7.33 -12.93
C GLU A 359 -11.51 6.40 -12.12
N ALA A 360 -11.85 6.29 -10.83
CA ALA A 360 -11.07 5.48 -9.90
C ALA A 360 -11.27 3.98 -10.15
N VAL A 361 -12.51 3.58 -10.35
CA VAL A 361 -12.86 2.17 -10.63
C VAL A 361 -12.25 1.73 -11.95
N VAL A 362 -12.38 2.54 -12.98
CA VAL A 362 -11.82 2.18 -14.29
C VAL A 362 -10.30 2.07 -14.17
N ALA A 363 -9.65 3.08 -13.60
CA ALA A 363 -8.18 3.01 -13.45
C ALA A 363 -7.77 1.76 -12.67
N GLY A 364 -8.52 1.45 -11.62
CA GLY A 364 -8.18 0.28 -10.79
C GLY A 364 -8.26 -1.02 -11.57
N LEU A 365 -9.28 -1.09 -12.41
CA LEU A 365 -9.49 -2.26 -13.25
C LEU A 365 -8.40 -2.39 -14.30
N LEU A 366 -7.95 -1.25 -14.83
CA LEU A 366 -6.93 -1.28 -15.91
C LEU A 366 -5.57 -1.68 -15.31
N ASN A 367 -5.36 -1.33 -14.04
CA ASN A 367 -4.11 -1.66 -13.37
C ASN A 367 -4.11 -3.16 -13.07
N ALA A 368 -5.31 -3.64 -12.70
CA ALA A 368 -5.52 -5.05 -12.41
C ALA A 368 -5.24 -5.89 -13.65
N GLU A 369 -5.78 -5.42 -14.76
CA GLU A 369 -5.60 -6.10 -16.02
C GLU A 369 -4.13 -6.08 -16.42
N ASN A 370 -3.45 -4.98 -16.14
CA ASN A 370 -2.03 -4.91 -16.44
C ASN A 370 -1.31 -6.04 -15.73
N SER A 371 -1.56 -6.19 -14.44
CA SER A 371 -0.88 -7.23 -13.70
C SER A 371 -1.29 -8.64 -14.04
N ILE A 372 -2.59 -8.80 -14.32
CA ILE A 372 -3.14 -10.10 -14.67
C ILE A 372 -2.47 -10.58 -15.96
N SER A 373 -2.40 -9.71 -16.97
CA SER A 373 -1.76 -10.03 -18.25
C SER A 373 -0.27 -10.38 -18.11
N ILE A 374 0.41 -9.62 -17.29
CA ILE A 374 1.84 -9.88 -17.02
C ILE A 374 1.96 -11.31 -16.48
N ALA A 375 1.03 -11.65 -15.59
CA ALA A 375 1.04 -12.95 -14.89
C ALA A 375 0.77 -14.11 -15.83
N ILE A 376 -0.19 -13.92 -16.73
CA ILE A 376 -0.54 -14.90 -17.75
C ILE A 376 0.65 -15.13 -18.66
N LYS A 377 1.32 -14.04 -19.04
CA LYS A 377 2.45 -14.15 -19.94
C LYS A 377 3.55 -14.92 -19.19
N GLU A 378 3.79 -14.57 -17.95
CA GLU A 378 4.84 -15.22 -17.17
C GLU A 378 4.62 -16.73 -17.02
N LEU A 379 3.40 -17.13 -16.71
CA LEU A 379 3.06 -18.57 -16.55
C LEU A 379 3.18 -19.36 -17.83
N GLY A 380 2.94 -18.70 -18.94
CA GLY A 380 3.02 -19.38 -20.23
C GLY A 380 2.27 -20.70 -20.25
N SER A 381 2.98 -21.74 -20.69
CA SER A 381 2.40 -23.07 -20.84
C SER A 381 2.07 -23.71 -19.50
N GLY A 382 2.36 -23.00 -18.43
CA GLY A 382 2.00 -23.51 -17.11
C GLY A 382 0.54 -23.22 -16.76
N LEU A 383 -0.12 -22.57 -17.70
CA LEU A 383 -1.50 -22.13 -17.43
C LEU A 383 -2.41 -22.35 -18.60
N ASN A 384 -3.61 -22.82 -18.26
CA ASN A 384 -4.76 -22.91 -19.17
C ASN A 384 -5.60 -21.69 -18.87
N THR A 385 -5.76 -20.79 -19.81
CA THR A 385 -6.60 -19.62 -19.58
C THR A 385 -8.07 -20.01 -19.77
N ASN A 386 -8.97 -19.16 -19.30
CA ASN A 386 -10.37 -19.36 -19.58
C ASN A 386 -10.70 -18.51 -20.82
N SER A 387 -11.96 -18.17 -20.99
CA SER A 387 -12.41 -17.40 -22.17
C SER A 387 -12.72 -15.98 -21.78
N SER A 388 -12.32 -15.60 -20.59
CA SER A 388 -12.56 -14.23 -20.14
C SER A 388 -11.90 -13.25 -21.09
N GLU A 389 -12.56 -12.11 -21.23
CA GLU A 389 -12.08 -11.02 -22.09
C GLU A 389 -11.17 -10.09 -21.33
N VAL A 390 -10.21 -9.54 -22.06
CA VAL A 390 -9.29 -8.57 -21.46
C VAL A 390 -10.09 -7.37 -20.94
N ILE A 391 -9.78 -6.87 -19.76
CA ILE A 391 -10.48 -5.70 -19.23
C ILE A 391 -9.94 -4.45 -19.95
N THR A 392 -10.86 -3.70 -20.58
CA THR A 392 -10.49 -2.48 -21.26
C THR A 392 -11.15 -1.23 -20.68
N GLU A 393 -10.79 -0.09 -21.22
CA GLU A 393 -11.36 1.16 -20.69
C GLU A 393 -12.88 1.14 -20.94
N THR A 394 -13.26 0.52 -22.03
CA THR A 394 -14.68 0.46 -22.44
C THR A 394 -15.46 -0.53 -21.57
N SER A 395 -14.88 -1.69 -21.41
CA SER A 395 -15.56 -2.75 -20.67
C SER A 395 -15.69 -2.36 -19.22
N ALA A 396 -14.65 -1.71 -18.70
CA ALA A 396 -14.60 -1.29 -17.32
C ALA A 396 -15.65 -0.21 -17.05
N GLY A 397 -15.72 0.73 -17.97
CA GLY A 397 -16.69 1.84 -17.90
C GLY A 397 -18.11 1.35 -17.90
N LYS A 398 -18.36 0.33 -18.70
CA LYS A 398 -19.69 -0.26 -18.83
C LYS A 398 -20.08 -1.01 -17.58
N TYR A 399 -19.06 -1.59 -16.97
CA TYR A 399 -19.25 -2.34 -15.74
C TYR A 399 -19.62 -1.33 -14.65
N PHE A 400 -18.94 -0.20 -14.68
CA PHE A 400 -19.25 0.84 -13.71
C PHE A 400 -20.73 1.27 -13.84
N ASP A 401 -21.12 1.52 -15.08
CA ASP A 401 -22.48 2.01 -15.45
C ASP A 401 -23.53 0.97 -15.11
N ASP A 402 -23.17 -0.27 -15.33
CA ASP A 402 -24.14 -1.38 -15.21
C ASP A 402 -24.33 -1.84 -13.79
N VAL A 403 -23.30 -1.66 -12.96
CA VAL A 403 -23.31 -2.20 -11.61
C VAL A 403 -23.00 -1.21 -10.48
N VAL A 404 -21.89 -0.51 -10.63
CA VAL A 404 -21.44 0.35 -9.54
C VAL A 404 -22.25 1.62 -9.37
N LYS A 405 -22.72 2.16 -10.48
CA LYS A 405 -23.40 3.46 -10.43
C LYS A 405 -24.60 3.43 -9.47
N ALA A 406 -25.42 2.40 -9.61
CA ALA A 406 -26.62 2.29 -8.79
C ALA A 406 -26.28 2.10 -7.31
N LYS A 407 -25.22 1.34 -7.03
CA LYS A 407 -24.80 1.07 -5.66
C LYS A 407 -24.25 2.34 -5.04
N TYR A 408 -23.59 3.12 -5.86
CA TYR A 408 -23.02 4.39 -5.42
C TYR A 408 -24.16 5.35 -5.05
N ALA A 409 -25.18 5.41 -5.93
CA ALA A 409 -26.36 6.27 -5.72
C ALA A 409 -27.00 5.95 -4.37
N ALA A 410 -27.06 4.66 -4.07
CA ALA A 410 -27.70 4.17 -2.84
C ALA A 410 -26.91 4.45 -1.57
N ASN A 411 -25.60 4.31 -1.64
CA ASN A 411 -24.72 4.50 -0.45
C ASN A 411 -23.38 5.03 -0.92
N PRO A 412 -23.30 6.33 -1.24
CA PRO A 412 -22.10 6.89 -1.85
C PRO A 412 -20.78 6.56 -1.17
N LEU A 413 -20.64 6.94 0.07
CA LEU A 413 -19.38 6.69 0.77
C LEU A 413 -19.03 5.21 0.87
N GLN A 414 -20.01 4.45 1.31
CA GLN A 414 -19.85 3.01 1.55
C GLN A 414 -19.31 2.36 0.30
N GLU A 415 -19.99 2.64 -0.80
CA GLU A 415 -19.67 2.07 -2.12
C GLU A 415 -18.29 2.51 -2.61
N THR A 416 -17.99 3.77 -2.38
CA THR A 416 -16.70 4.34 -2.72
C THR A 416 -15.58 3.59 -2.01
N ILE A 418 -15.68 0.55 -0.62
CA ILE A 418 -15.68 -0.86 -1.10
C ILE A 418 -14.88 -0.94 -2.41
N GLN A 419 -15.15 0.01 -3.29
CA GLN A 419 -14.48 0.06 -4.57
C GLN A 419 -12.99 0.35 -4.43
N LYS A 420 -12.62 1.18 -3.44
CA LYS A 420 -11.22 1.50 -3.22
C LYS A 420 -10.55 0.21 -2.83
N TYR A 421 -11.18 -0.47 -1.88
CA TYR A 421 -10.74 -1.79 -1.39
C TYR A 421 -10.52 -2.81 -2.52
N LEU A 422 -11.48 -2.93 -3.45
CA LEU A 422 -11.36 -3.88 -4.55
C LEU A 422 -10.29 -3.50 -5.58
N ALA A 423 -10.14 -2.19 -5.81
CA ALA A 423 -9.11 -1.68 -6.74
C ALA A 423 -7.67 -1.89 -6.30
N TRP A 425 -6.39 -4.25 -4.47
CA TRP A 425 -5.99 -5.67 -4.50
C TRP A 425 -5.15 -5.86 -5.76
N GLY A 426 -4.00 -6.46 -5.60
CA GLY A 426 -3.08 -6.74 -6.68
C GLY A 426 -1.66 -7.08 -6.30
N ALA A 427 -0.77 -6.85 -7.25
CA ALA A 427 0.70 -7.07 -7.12
C ALA A 427 1.41 -5.73 -7.01
N SER A 428 0.61 -4.69 -6.82
CA SER A 428 1.11 -3.30 -6.82
C SER A 428 1.68 -2.73 -5.52
N GLY A 429 1.54 -3.50 -4.45
CA GLY A 429 1.98 -3.08 -3.12
C GLY A 429 0.98 -2.22 -2.39
N GLU A 430 -0.30 -2.32 -2.76
CA GLU A 430 -1.36 -1.42 -2.18
C GLU A 430 -2.09 -1.91 -0.93
N ALA A 431 -1.76 -3.12 -0.47
CA ALA A 431 -2.42 -3.70 0.71
C ALA A 431 -2.02 -2.87 1.88
N THR A 432 -0.80 -2.39 1.78
CA THR A 432 -0.24 -1.57 2.87
C THR A 432 -1.21 -0.41 3.15
N GLU A 433 -1.51 0.30 2.10
CA GLU A 433 -2.41 1.47 2.21
C GLU A 433 -3.87 1.04 2.50
N THR A 434 -4.31 -0.08 1.97
CA THR A 434 -5.69 -0.54 2.24
C THR A 434 -5.91 -0.83 3.69
N TYR A 435 -4.84 -1.28 4.29
CA TYR A 435 -4.82 -1.59 5.73
C TYR A 435 -4.90 -0.32 6.60
N ASN A 436 -4.29 0.75 6.13
CA ASN A 436 -4.45 2.07 6.75
C ASN A 436 -5.90 2.51 6.61
N ASP A 437 -6.47 2.42 5.41
CA ASP A 437 -7.85 2.85 5.22
C ASP A 437 -8.79 2.06 6.12
N PHE A 438 -8.48 0.78 6.32
CA PHE A 438 -9.40 -0.10 7.06
C PHE A 438 -9.43 0.33 8.50
N ARG A 439 -8.24 0.56 9.00
CA ARG A 439 -8.10 0.95 10.38
C ARG A 439 -8.63 2.38 10.61
N ARG A 440 -8.53 3.21 9.58
CA ARG A 440 -9.02 4.58 9.71
C ARG A 440 -10.52 4.49 9.82
N LYS A 442 -12.22 2.03 10.96
CA LYS A 442 -12.46 1.56 12.32
C LYS A 442 -12.53 2.69 13.34
N GLY A 443 -11.54 3.58 13.28
CA GLY A 443 -11.50 4.73 14.16
C GLY A 443 -12.70 5.65 13.98
N LEU A 444 -13.26 5.65 12.78
CA LEU A 444 -14.43 6.48 12.43
C LEU A 444 -15.73 5.72 12.69
N ASN A 445 -15.57 4.52 13.21
CA ASN A 445 -16.66 3.59 13.47
C ASN A 445 -17.50 3.29 12.26
N GLU A 446 -16.81 3.03 11.17
CA GLU A 446 -17.42 2.66 9.90
C GLU A 446 -17.07 1.20 9.60
N ASN A 447 -18.07 0.48 9.14
CA ASN A 447 -17.97 -0.96 8.88
CA ASN A 447 -17.92 -0.94 8.84
C ASN A 447 -18.37 -1.21 7.43
N PHE A 448 -17.56 -0.79 6.47
CA PHE A 448 -17.93 -0.91 5.06
C PHE A 448 -17.32 -2.14 4.43
N ILE A 449 -16.13 -2.47 4.90
CA ILE A 449 -15.35 -3.60 4.38
C ILE A 449 -15.50 -4.78 5.33
N THR A 450 -16.13 -5.83 4.85
CA THR A 450 -16.34 -7.03 5.66
C THR A 450 -15.14 -7.96 5.64
N LEU A 451 -14.72 -8.36 6.83
CA LEU A 451 -13.65 -9.36 7.01
C LEU A 451 -14.26 -10.56 7.67
N THR A 452 -13.85 -11.76 7.26
CA THR A 452 -14.46 -12.97 7.80
C THR A 452 -13.60 -13.81 8.75
N ASN A 453 -12.33 -13.46 8.91
CA ASN A 453 -11.44 -14.21 9.80
C ASN A 453 -12.06 -14.32 11.21
N PRO A 454 -12.32 -15.55 11.72
CA PRO A 454 -12.99 -15.62 13.02
C PRO A 454 -12.14 -15.19 14.15
N ASN A 455 -10.85 -15.09 13.89
CA ASN A 455 -9.89 -14.74 14.95
C ASN A 455 -9.87 -13.26 15.23
N ASN A 456 -10.60 -12.54 14.42
CA ASN A 456 -10.67 -11.09 14.55
C ASN A 456 -11.54 -10.61 15.72
N SER A 457 -12.16 -11.57 16.42
CA SER A 457 -13.03 -11.26 17.54
C SER A 457 -12.19 -10.62 18.64
N SER A 458 -10.98 -11.15 18.79
CA SER A 458 -10.03 -10.59 19.75
C SER A 458 -8.62 -10.40 19.21
N LYS A 459 -8.37 -10.83 17.99
CA LYS A 459 -7.03 -10.75 17.41
C LYS A 459 -6.87 -10.09 16.06
N PHE A 460 -7.62 -9.02 15.85
CA PHE A 460 -7.42 -8.19 14.67
C PHE A 460 -6.29 -7.21 14.99
N PRO A 461 -5.17 -7.27 14.24
CA PRO A 461 -4.11 -6.35 14.59
C PRO A 461 -4.33 -4.91 14.20
N LEU A 462 -4.29 -4.06 15.21
CA LEU A 462 -4.56 -2.62 15.02
C LEU A 462 -3.31 -1.89 14.60
N ARG A 463 -2.21 -2.62 14.65
CA ARG A 463 -0.88 -2.10 14.33
C ARG A 463 0.11 -3.23 14.24
N TYR A 464 1.35 -2.90 13.86
CA TYR A 464 2.46 -3.86 13.78
C TYR A 464 3.31 -3.72 15.04
N PRO A 465 3.86 -4.84 15.55
CA PRO A 465 4.71 -4.70 16.71
C PRO A 465 6.10 -4.10 16.41
N TYR A 466 6.61 -3.37 17.37
CA TYR A 466 7.94 -2.77 17.26
C TYR A 466 9.02 -3.84 17.05
N GLY A 467 10.06 -3.43 16.33
CA GLY A 467 11.17 -4.32 15.99
C GLY A 467 11.98 -4.63 17.21
N ASN A 468 12.39 -5.89 17.31
CA ASN A 468 13.14 -6.35 18.48
C ASN A 468 14.52 -5.72 18.54
N SER A 469 14.95 -5.17 17.42
CA SER A 469 16.24 -4.53 17.40
C SER A 469 16.19 -3.35 18.33
N ASP A 470 15.01 -2.75 18.42
CA ASP A 470 14.81 -1.56 19.26
C ASP A 470 14.23 -1.88 20.63
N THR A 471 13.55 -3.00 20.75
CA THR A 471 13.01 -3.39 22.07
C THR A 471 14.24 -3.79 22.88
N ALA A 472 15.29 -4.17 22.17
CA ALA A 472 16.54 -4.56 22.82
C ALA A 472 17.36 -3.34 23.21
N ALA A 473 17.56 -2.50 22.22
CA ALA A 473 18.44 -1.31 22.33
C ALA A 473 17.80 -0.09 22.96
N ASN A 474 16.47 -0.04 22.97
CA ASN A 474 15.76 1.16 23.44
C ASN A 474 14.74 0.88 24.55
N PRO A 475 15.08 1.24 25.81
CA PRO A 475 14.17 0.92 26.91
C PRO A 475 12.78 1.48 26.77
N GLU A 476 12.68 2.56 25.99
CA GLU A 476 11.39 3.24 25.81
C GLU A 476 10.52 2.43 24.87
N VAL A 477 11.19 1.89 23.87
CA VAL A 477 10.51 1.09 22.86
C VAL A 477 10.18 -0.27 23.52
N LYS A 478 11.10 -0.73 24.35
CA LYS A 478 10.88 -2.00 25.04
C LYS A 478 9.64 -1.87 25.91
N ALA A 479 9.56 -0.76 26.62
CA ALA A 479 8.43 -0.54 27.52
C ALA A 479 7.12 -0.48 26.73
N ALA A 480 7.15 0.18 25.57
CA ALA A 480 5.95 0.34 24.75
C ALA A 480 5.49 -0.97 24.10
N TYR A 481 6.45 -1.84 23.83
CA TYR A 481 6.14 -3.12 23.17
C TYR A 481 5.49 -4.09 24.16
N GLY A 482 5.93 -3.99 25.39
CA GLY A 482 5.43 -4.88 26.45
C GLY A 482 5.58 -6.34 26.07
N ASN A 483 4.47 -7.07 25.98
CA ASN A 483 4.48 -8.50 25.63
C ASN A 483 3.85 -8.67 24.29
N GLY A 484 3.58 -7.53 23.69
CA GLY A 484 3.03 -7.41 22.33
C GLY A 484 1.51 -7.51 22.21
N ASP A 485 0.83 -7.80 23.31
CA ASP A 485 -0.64 -7.97 23.25
C ASP A 485 -1.30 -6.67 22.84
N TYR A 486 -0.59 -5.58 23.07
CA TYR A 486 -1.11 -4.21 22.80
C TYR A 486 -1.46 -4.02 21.31
N VAL A 487 -0.89 -4.86 20.46
CA VAL A 487 -1.13 -4.69 19.02
C VAL A 487 -2.61 -4.95 18.72
N TYR A 488 -3.27 -5.62 19.64
CA TYR A 488 -4.66 -5.96 19.43
C TYR A 488 -5.63 -5.08 20.19
N SER A 489 -5.11 -4.30 21.15
CA SER A 489 -5.95 -3.45 21.99
C SER A 489 -5.70 -1.93 21.89
N GLU A 490 -4.56 -1.52 21.36
CA GLU A 490 -4.20 -0.12 21.34
C GLU A 490 -4.18 0.44 19.95
N PRO A 491 -5.24 1.12 19.54
CA PRO A 491 -5.23 1.67 18.17
C PRO A 491 -4.14 2.74 18.04
N VAL A 492 -3.74 3.05 16.83
CA VAL A 492 -2.79 4.16 16.61
C VAL A 492 -3.54 5.48 16.84
N TRP A 493 -2.82 6.57 16.99
CA TRP A 493 -3.46 7.86 17.29
C TRP A 493 -4.49 8.35 16.28
N TRP A 494 -4.19 8.26 15.00
CA TRP A 494 -5.13 8.74 13.99
C TRP A 494 -6.39 7.90 13.95
N ALA A 495 -6.33 6.78 14.67
CA ALA A 495 -7.48 5.85 14.71
C ALA A 495 -8.22 5.99 16.01
N GLY A 496 -7.85 7.01 16.80
CA GLY A 496 -8.50 7.26 18.07
C GLY A 496 -7.71 6.75 19.24
N GLY A 497 -6.53 6.21 18.97
CA GLY A 497 -5.65 5.70 20.05
C GLY A 497 -4.85 6.78 20.75
N SER A 498 -4.10 6.41 21.77
CA SER A 498 -3.30 7.38 22.53
C SER A 498 -1.81 7.17 22.41
N ARG A 499 -1.38 6.01 21.92
CA ARG A 499 0.07 5.76 21.78
C ARG A 499 0.37 4.88 20.57
#